data_4X2G
#
_entry.id   4X2G
#
_cell.length_a   42.220
_cell.length_b   77.680
_cell.length_c   90.160
_cell.angle_alpha   90.000
_cell.angle_beta   90.000
_cell.angle_gamma   90.000
#
_symmetry.space_group_name_H-M   'P 21 21 21'
#
loop_
_entity.id
_entity.type
_entity.pdbx_description
1 polymer 'TGF-beta receptor type-1'
2 non-polymer 4-[(4-aminophenyl)amino]pyrido[2,3-d]pyrimidin-5(6H)-one
3 non-polymer 'SULFATE ION'
4 non-polymer 2-AMINO-2-HYDROXYMETHYL-PROPANE-1,3-DIOL
5 water water
#
_entity_poly.entity_id   1
_entity_poly.type   'polypeptide(L)'
_entity_poly.pdbx_seq_one_letter_code
;GTIARTIVLQESIGKGRFGEVWRGKWRGEEVAVKIFSSREERSWFREAEIYQTVMLRHENILGFIAADNKDNGTWTQLWL
VSDYHEHGSLFDYLNRYTVTVEGMIKLALSTASGLAHLHMEIVGTQGKPAIAHRDLKSKNILVKKNGTCCIADLGLAVRH
DSATDTIDIAPNHRVGTKRYMAPEVLDDSINMKHFESFKRADIYAMGLVFWEIARRCSIGGIHEDYQLPYYDLVPSDPSV
EEMRKVVCEQKLRPNIPNRWQSCEALRVMAKIMRECWYANGAARLTALRIKKTLSQLSQQEGIKM
;
_entity_poly.pdbx_strand_id   A
#
# COMPACT_ATOMS: atom_id res chain seq x y z
N GLY A 1 11.22 25.27 -9.90
CA GLY A 1 10.66 25.33 -11.24
C GLY A 1 9.28 25.93 -11.36
N THR A 2 8.69 25.84 -12.55
CA THR A 2 7.44 26.52 -12.86
C THR A 2 6.24 26.06 -12.05
N ILE A 3 6.26 24.79 -11.56
CA ILE A 3 5.15 24.30 -10.78
C ILE A 3 5.33 24.74 -9.34
N ALA A 4 6.48 24.43 -8.71
CA ALA A 4 6.69 24.79 -7.29
C ALA A 4 6.53 26.27 -7.04
N ARG A 5 6.96 27.13 -7.99
CA ARG A 5 6.84 28.58 -7.76
C ARG A 5 5.39 29.06 -7.65
N THR A 6 4.44 28.26 -8.15
CA THR A 6 3.02 28.60 -8.17
C THR A 6 2.26 27.85 -7.08
N ILE A 7 2.94 27.09 -6.20
CA ILE A 7 2.27 26.35 -5.16
C ILE A 7 2.48 27.06 -3.83
N VAL A 8 1.40 27.14 -3.03
CA VAL A 8 1.46 27.70 -1.69
C VAL A 8 1.22 26.56 -0.70
N LEU A 9 2.17 26.33 0.20
CA LEU A 9 2.04 25.33 1.25
C LEU A 9 1.11 25.87 2.33
N GLN A 10 0.12 25.08 2.70
CA GLN A 10 -0.90 25.50 3.67
C GLN A 10 -0.73 24.86 5.02
N GLU A 11 -0.22 23.60 5.05
CA GLU A 11 -0.15 22.89 6.33
C GLU A 11 0.74 21.67 6.20
N SER A 12 1.61 21.44 7.19
CA SER A 12 2.45 20.24 7.24
C SER A 12 1.56 19.17 7.85
N ILE A 13 1.33 18.07 7.13
CA ILE A 13 0.39 17.04 7.60
C ILE A 13 1.06 15.77 8.08
N GLY A 14 2.31 15.57 7.75
CA GLY A 14 3.02 14.35 8.17
C GLY A 14 4.52 14.46 8.05
N LYS A 15 5.26 13.87 9.00
CA LYS A 15 6.72 13.90 9.00
C LYS A 15 7.17 12.44 9.19
N GLY A 16 7.58 11.82 8.09
CA GLY A 16 7.99 10.41 8.08
C GLY A 16 9.48 10.17 7.98
N ARG A 17 9.85 8.91 7.69
CA ARG A 17 11.23 8.42 7.54
C ARG A 17 11.95 9.30 6.53
N PHE A 18 11.44 9.36 5.29
CA PHE A 18 12.00 10.23 4.26
C PHE A 18 10.94 11.19 3.81
N GLY A 19 11.25 12.47 3.87
CA GLY A 19 10.35 13.52 3.43
C GLY A 19 9.23 13.87 4.39
N GLU A 20 8.73 15.08 4.23
CA GLU A 20 7.65 15.66 5.01
C GLU A 20 6.51 15.94 4.04
N VAL A 21 5.27 15.61 4.40
CA VAL A 21 4.11 15.80 3.52
C VAL A 21 3.32 17.04 3.91
N TRP A 22 2.99 17.87 2.92
CA TRP A 22 2.24 19.11 3.12
C TRP A 22 1.00 19.10 2.25
N ARG A 23 -0.03 19.84 2.71
CA ARG A 23 -1.20 20.14 1.92
C ARG A 23 -0.88 21.50 1.30
N GLY A 24 -0.93 21.60 -0.03
CA GLY A 24 -0.66 22.85 -0.74
C GLY A 24 -1.79 23.21 -1.68
N LYS A 25 -1.69 24.42 -2.31
CA LYS A 25 -2.69 24.87 -3.28
C LYS A 25 -1.95 25.15 -4.57
N TRP A 26 -2.42 24.54 -5.66
CA TRP A 26 -1.84 24.74 -7.00
C TRP A 26 -2.96 25.09 -7.93
N ARG A 27 -2.87 26.26 -8.60
CA ARG A 27 -3.91 26.68 -9.56
C ARG A 27 -5.32 26.54 -8.93
N GLY A 28 -5.43 26.95 -7.67
CA GLY A 28 -6.65 26.93 -6.88
C GLY A 28 -7.11 25.58 -6.35
N GLU A 29 -6.35 24.50 -6.62
CA GLU A 29 -6.74 23.16 -6.19
C GLU A 29 -5.83 22.64 -5.09
N GLU A 30 -6.37 21.81 -4.19
CA GLU A 30 -5.53 21.23 -3.17
C GLU A 30 -4.66 20.14 -3.80
N VAL A 31 -3.38 20.09 -3.39
CA VAL A 31 -2.43 19.05 -3.82
C VAL A 31 -1.63 18.61 -2.64
N ALA A 32 -0.99 17.44 -2.71
CA ALA A 32 -0.07 17.03 -1.66
C ALA A 32 1.35 17.29 -2.15
N VAL A 33 2.20 17.76 -1.26
CA VAL A 33 3.57 18.00 -1.62
C VAL A 33 4.43 17.28 -0.62
N LYS A 34 5.28 16.34 -1.09
CA LYS A 34 6.24 15.67 -0.24
C LYS A 34 7.56 16.40 -0.45
N ILE A 35 8.16 16.87 0.64
CA ILE A 35 9.37 17.68 0.58
C ILE A 35 10.54 16.96 1.23
N PHE A 36 11.66 16.94 0.51
CA PHE A 36 12.90 16.32 0.94
C PHE A 36 13.98 17.37 0.99
N SER A 37 14.95 17.19 1.88
CA SER A 37 16.07 18.10 1.97
C SER A 37 17.12 17.70 0.92
N SER A 38 18.14 18.55 0.74
CA SER A 38 19.24 18.32 -0.20
C SER A 38 19.97 17.01 0.10
N ARG A 39 20.05 16.60 1.37
CA ARG A 39 20.78 15.38 1.69
C ARG A 39 19.95 14.10 1.47
N GLU A 40 18.65 14.25 1.05
CA GLU A 40 17.74 13.13 0.80
C GLU A 40 17.46 13.03 -0.73
N GLU A 41 18.37 13.54 -1.55
CA GLU A 41 18.18 13.53 -3.00
C GLU A 41 17.98 12.11 -3.56
N ARG A 42 18.71 11.10 -3.02
CA ARG A 42 18.58 9.75 -3.56
C ARG A 42 17.17 9.21 -3.37
N SER A 43 16.57 9.46 -2.20
CA SER A 43 15.21 9.00 -1.91
CA SER A 43 15.22 9.01 -1.88
C SER A 43 14.19 9.75 -2.76
N TRP A 44 14.38 11.08 -2.90
CA TRP A 44 13.51 11.88 -3.73
C TRP A 44 13.54 11.41 -5.20
N PHE A 45 14.76 11.23 -5.74
CA PHE A 45 14.92 10.86 -7.14
C PHE A 45 14.31 9.48 -7.40
N ARG A 46 14.56 8.51 -6.48
CA ARG A 46 14.01 7.18 -6.69
C ARG A 46 12.46 7.18 -6.65
N GLU A 47 11.85 8.00 -5.77
CA GLU A 47 10.40 8.05 -5.73
C GLU A 47 9.88 8.74 -7.02
N ALA A 48 10.56 9.81 -7.48
CA ALA A 48 10.15 10.44 -8.75
C ALA A 48 10.25 9.43 -9.90
N GLU A 49 11.31 8.60 -9.91
CA GLU A 49 11.50 7.59 -10.93
C GLU A 49 10.36 6.56 -10.94
N ILE A 50 9.97 6.06 -9.77
CA ILE A 50 8.89 5.10 -9.74
C ILE A 50 7.57 5.72 -10.18
N TYR A 51 7.27 6.92 -9.69
CA TYR A 51 6.01 7.55 -10.05
C TYR A 51 5.93 7.97 -11.53
N GLN A 52 7.06 8.01 -12.22
CA GLN A 52 7.07 8.34 -13.64
C GLN A 52 7.08 7.11 -14.53
N THR A 53 6.99 5.89 -13.93
CA THR A 53 6.97 4.68 -14.72
C THR A 53 5.87 4.74 -15.79
N VAL A 54 6.22 4.34 -17.02
CA VAL A 54 5.30 4.32 -18.16
C VAL A 54 4.06 3.52 -17.79
N MET A 55 2.86 4.05 -18.15
CA MET A 55 1.57 3.42 -17.94
C MET A 55 1.23 3.13 -16.47
N LEU A 56 1.85 3.84 -15.53
CA LEU A 56 1.56 3.59 -14.13
C LEU A 56 0.15 4.04 -13.73
N ARG A 57 -0.32 5.16 -14.30
CA ARG A 57 -1.56 5.75 -13.81
C ARG A 57 -2.74 4.80 -13.78
N HIS A 58 -3.51 4.88 -12.69
CA HIS A 58 -4.64 3.99 -12.47
C HIS A 58 -5.49 4.61 -11.41
N GLU A 59 -6.81 4.39 -11.42
CA GLU A 59 -7.66 5.01 -10.41
C GLU A 59 -7.31 4.60 -8.98
N ASN A 60 -6.65 3.43 -8.81
CA ASN A 60 -6.30 2.95 -7.47
C ASN A 60 -4.81 3.04 -7.19
N ILE A 61 -4.11 3.95 -7.90
CA ILE A 61 -2.71 4.29 -7.61
C ILE A 61 -2.68 5.82 -7.45
N LEU A 62 -2.00 6.32 -6.42
CA LEU A 62 -1.93 7.77 -6.21
C LEU A 62 -1.49 8.47 -7.52
N GLY A 63 -2.23 9.51 -7.90
CA GLY A 63 -1.96 10.28 -9.11
C GLY A 63 -0.80 11.24 -8.88
N PHE A 64 0.28 11.04 -9.62
CA PHE A 64 1.48 11.87 -9.52
C PHE A 64 1.38 13.06 -10.46
N ILE A 65 1.78 14.24 -10.01
CA ILE A 65 1.74 15.45 -10.85
C ILE A 65 3.16 15.76 -11.35
N ALA A 66 4.13 15.98 -10.44
CA ALA A 66 5.47 16.38 -10.89
C ALA A 66 6.47 16.37 -9.79
N ALA A 67 7.72 16.24 -10.20
CA ALA A 67 8.87 16.48 -9.35
C ALA A 67 9.29 17.94 -9.65
N ASP A 68 9.85 18.59 -8.63
CA ASP A 68 10.32 19.97 -8.76
C ASP A 68 11.28 20.28 -7.63
N ASN A 69 11.83 21.50 -7.65
CA ASN A 69 12.80 21.97 -6.63
C ASN A 69 12.36 23.39 -6.31
N LYS A 70 12.57 23.82 -5.05
CA LYS A 70 12.24 25.20 -4.67
C LYS A 70 13.34 25.74 -3.78
N ASP A 71 13.89 26.88 -4.19
CA ASP A 71 14.95 27.56 -3.43
C ASP A 71 14.34 28.76 -2.74
N ASN A 72 14.32 28.74 -1.40
CA ASN A 72 13.73 29.83 -0.65
C ASN A 72 14.66 31.04 -0.47
N GLY A 73 15.87 30.93 -0.96
CA GLY A 73 16.92 31.94 -0.81
C GLY A 73 17.97 31.54 0.23
N THR A 74 17.72 30.47 1.01
CA THR A 74 18.67 29.93 2.00
C THR A 74 19.01 28.47 1.69
N TRP A 75 17.97 27.65 1.46
CA TRP A 75 18.19 26.25 1.10
C TRP A 75 17.22 25.81 0.03
N THR A 76 17.58 24.71 -0.63
CA THR A 76 16.75 24.08 -1.66
C THR A 76 15.93 22.93 -1.06
N GLN A 77 14.66 22.86 -1.48
CA GLN A 77 13.71 21.81 -1.11
C GLN A 77 13.50 20.99 -2.37
N LEU A 78 13.47 19.66 -2.25
CA LEU A 78 13.16 18.79 -3.38
C LEU A 78 11.70 18.33 -3.23
N TRP A 79 10.87 18.59 -4.22
CA TRP A 79 9.43 18.35 -4.12
C TRP A 79 8.91 17.22 -4.98
N LEU A 80 7.88 16.52 -4.47
CA LEU A 80 7.08 15.58 -5.24
C LEU A 80 5.63 16.00 -5.02
N VAL A 81 4.94 16.41 -6.08
CA VAL A 81 3.58 16.92 -6.03
C VAL A 81 2.64 15.83 -6.54
N SER A 82 1.58 15.57 -5.77
CA SER A 82 0.60 14.55 -6.15
C SER A 82 -0.79 14.93 -5.75
N ASP A 83 -1.78 14.11 -6.14
CA ASP A 83 -3.16 14.42 -5.81
C ASP A 83 -3.34 14.40 -4.30
N TYR A 84 -4.26 15.24 -3.81
CA TYR A 84 -4.61 15.31 -2.40
C TYR A 84 -5.90 14.60 -2.15
N HIS A 85 -5.88 13.76 -1.10
CA HIS A 85 -7.08 13.02 -0.66
C HIS A 85 -7.39 13.37 0.81
N GLU A 86 -8.46 14.17 1.00
CA GLU A 86 -8.86 14.72 2.30
C GLU A 86 -9.02 13.68 3.41
N HIS A 87 -9.51 12.48 3.07
CA HIS A 87 -9.64 11.45 4.14
C HIS A 87 -8.29 10.98 4.67
N GLY A 88 -7.21 11.20 3.93
CA GLY A 88 -5.93 10.73 4.37
C GLY A 88 -5.81 9.22 4.19
N SER A 89 -5.05 8.60 5.08
CA SER A 89 -4.76 7.18 4.96
C SER A 89 -5.92 6.29 5.36
N LEU A 90 -5.89 5.05 4.85
CA LEU A 90 -6.85 4.02 5.23
C LEU A 90 -6.74 3.77 6.75
N PHE A 91 -5.52 3.84 7.30
CA PHE A 91 -5.34 3.74 8.76
C PHE A 91 -6.16 4.84 9.45
N ASP A 92 -6.00 6.09 9.04
CA ASP A 92 -6.81 7.16 9.68
C ASP A 92 -8.31 6.94 9.50
N TYR A 93 -8.72 6.56 8.31
CA TYR A 93 -10.13 6.32 7.96
C TYR A 93 -10.74 5.22 8.83
N LEU A 94 -10.02 4.13 9.03
CA LEU A 94 -10.52 3.00 9.82
C LEU A 94 -10.52 3.30 11.29
N ASN A 95 -9.66 4.21 11.75
CA ASN A 95 -9.68 4.62 13.15
C ASN A 95 -10.91 5.53 13.38
N ARG A 96 -11.21 6.42 12.44
CA ARG A 96 -12.30 7.38 12.61
C ARG A 96 -13.68 6.78 12.40
N TYR A 97 -13.83 5.84 11.44
CA TYR A 97 -15.11 5.31 11.04
C TYR A 97 -15.23 3.81 11.10
N THR A 98 -16.50 3.35 11.12
CA THR A 98 -16.85 1.97 10.87
C THR A 98 -17.34 2.03 9.45
N VAL A 99 -17.42 0.88 8.79
CA VAL A 99 -17.86 0.81 7.41
C VAL A 99 -19.03 -0.14 7.26
N THR A 100 -19.82 0.03 6.20
CA THR A 100 -20.91 -0.89 5.89
C THR A 100 -20.26 -2.06 5.13
N VAL A 101 -21.03 -3.11 4.82
CA VAL A 101 -20.60 -4.24 4.01
C VAL A 101 -20.17 -3.68 2.64
N GLU A 102 -20.98 -2.76 2.07
CA GLU A 102 -20.68 -2.08 0.80
C GLU A 102 -19.34 -1.34 0.93
N GLY A 103 -19.19 -0.57 2.00
CA GLY A 103 -17.97 0.20 2.28
C GLY A 103 -16.73 -0.67 2.34
N MET A 104 -16.83 -1.81 3.04
CA MET A 104 -15.70 -2.73 3.17
C MET A 104 -15.29 -3.28 1.81
N ILE A 105 -16.26 -3.77 1.02
CA ILE A 105 -15.99 -4.34 -0.29
C ILE A 105 -15.32 -3.30 -1.20
N LYS A 106 -15.81 -2.05 -1.16
CA LYS A 106 -15.27 -0.96 -1.98
C LYS A 106 -13.80 -0.71 -1.63
N LEU A 107 -13.48 -0.67 -0.32
CA LEU A 107 -12.08 -0.45 0.10
C LEU A 107 -11.16 -1.62 -0.28
N ALA A 108 -11.64 -2.86 -0.10
CA ALA A 108 -10.82 -4.04 -0.40
C ALA A 108 -10.61 -4.26 -1.89
N LEU A 109 -11.70 -4.14 -2.69
CA LEU A 109 -11.62 -4.35 -4.12
C LEU A 109 -10.73 -3.29 -4.75
N SER A 110 -10.88 -2.02 -4.31
CA SER A 110 -10.04 -0.96 -4.89
C SER A 110 -8.54 -1.18 -4.56
N THR A 111 -8.22 -1.63 -3.33
CA THR A 111 -6.83 -1.91 -2.95
C THR A 111 -6.29 -3.03 -3.81
N ALA A 112 -7.08 -4.12 -3.98
CA ALA A 112 -6.62 -5.23 -4.79
C ALA A 112 -6.46 -4.82 -6.24
N SER A 113 -7.34 -3.93 -6.75
CA SER A 113 -7.25 -3.48 -8.14
CA SER A 113 -7.26 -3.46 -8.14
C SER A 113 -5.97 -2.65 -8.35
N GLY A 114 -5.65 -1.79 -7.39
CA GLY A 114 -4.43 -1.02 -7.48
C GLY A 114 -3.20 -1.93 -7.42
N LEU A 115 -3.22 -2.96 -6.52
CA LEU A 115 -2.08 -3.85 -6.41
C LEU A 115 -1.93 -4.74 -7.64
N ALA A 116 -3.08 -5.16 -8.21
CA ALA A 116 -3.04 -5.95 -9.44
C ALA A 116 -2.46 -5.11 -10.57
N HIS A 117 -2.78 -3.80 -10.67
CA HIS A 117 -2.15 -2.99 -11.71
C HIS A 117 -0.64 -2.81 -11.45
N LEU A 118 -0.22 -2.55 -10.20
N LEU A 118 -0.26 -2.53 -10.21
CA LEU A 118 1.22 -2.42 -9.94
CA LEU A 118 1.14 -2.38 -9.88
C LEU A 118 1.93 -3.69 -10.37
C LEU A 118 1.93 -3.64 -10.28
N HIS A 119 1.42 -4.84 -9.93
CA HIS A 119 2.04 -6.15 -10.21
C HIS A 119 2.05 -6.55 -11.69
N MET A 120 1.15 -5.95 -12.49
CA MET A 120 0.98 -6.35 -13.88
C MET A 120 2.05 -5.85 -14.83
N GLU A 121 2.65 -6.78 -15.61
CA GLU A 121 3.52 -6.38 -16.69
C GLU A 121 2.62 -6.17 -17.93
N ILE A 122 2.86 -5.06 -18.64
CA ILE A 122 2.16 -4.78 -19.92
C ILE A 122 3.28 -4.79 -20.96
N VAL A 123 3.20 -5.74 -21.91
CA VAL A 123 4.26 -5.88 -22.90
C VAL A 123 3.93 -4.96 -24.08
N GLY A 124 4.94 -4.27 -24.62
CA GLY A 124 4.76 -3.37 -25.77
C GLY A 124 5.64 -2.14 -25.77
N THR A 125 5.54 -1.31 -26.83
N THR A 125 5.54 -1.32 -26.83
CA THR A 125 6.29 -0.07 -27.04
CA THR A 125 6.30 -0.08 -27.03
C THR A 125 6.18 0.88 -25.82
C THR A 125 6.19 0.88 -25.82
N GLN A 126 4.96 1.08 -25.32
CA GLN A 126 4.67 1.89 -24.14
C GLN A 126 4.33 0.92 -23.01
N GLY A 127 5.18 -0.10 -22.85
CA GLY A 127 4.96 -1.14 -21.88
C GLY A 127 5.21 -0.70 -20.46
N LYS A 128 4.57 -1.42 -19.54
CA LYS A 128 4.71 -1.15 -18.13
C LYS A 128 5.45 -2.35 -17.52
N PRO A 129 6.50 -2.10 -16.74
CA PRO A 129 7.14 -3.22 -16.02
C PRO A 129 6.29 -3.61 -14.82
N ALA A 130 6.36 -4.85 -14.40
CA ALA A 130 5.73 -5.23 -13.14
C ALA A 130 6.48 -4.53 -12.00
N ILE A 131 5.73 -4.12 -10.96
CA ILE A 131 6.30 -3.41 -9.82
C ILE A 131 5.82 -4.08 -8.54
N ALA A 132 6.73 -4.25 -7.58
CA ALA A 132 6.36 -4.73 -6.25
C ALA A 132 6.58 -3.59 -5.28
N HIS A 133 5.65 -3.41 -4.36
CA HIS A 133 5.61 -2.25 -3.45
C HIS A 133 6.67 -2.31 -2.37
N ARG A 134 6.73 -3.45 -1.66
CA ARG A 134 7.66 -3.73 -0.57
C ARG A 134 7.31 -3.06 0.76
N ASP A 135 6.29 -2.20 0.80
CA ASP A 135 5.93 -1.58 2.07
C ASP A 135 4.44 -1.31 2.13
N LEU A 136 3.63 -2.29 1.67
CA LEU A 136 2.18 -2.11 1.71
C LEU A 136 1.68 -2.21 3.16
N LYS A 137 0.82 -1.27 3.56
CA LYS A 137 0.24 -1.19 4.92
C LYS A 137 -0.90 -0.19 4.87
N SER A 138 -1.76 -0.19 5.90
CA SER A 138 -2.89 0.75 5.86
C SER A 138 -2.46 2.22 5.93
N LYS A 139 -1.29 2.52 6.51
CA LYS A 139 -0.81 3.91 6.53
C LYS A 139 -0.30 4.36 5.15
N ASN A 140 -0.12 3.43 4.18
CA ASN A 140 0.39 3.71 2.84
C ASN A 140 -0.65 3.58 1.75
N ILE A 141 -1.93 3.56 2.16
CA ILE A 141 -3.05 3.52 1.26
C ILE A 141 -3.90 4.74 1.59
N LEU A 142 -4.38 5.46 0.57
CA LEU A 142 -5.20 6.64 0.82
C LEU A 142 -6.64 6.35 0.44
N VAL A 143 -7.59 7.07 1.07
CA VAL A 143 -9.00 6.86 0.75
C VAL A 143 -9.54 8.11 0.02
N LYS A 144 -10.13 7.90 -1.15
CA LYS A 144 -10.66 8.98 -1.98
C LYS A 144 -12.04 9.37 -1.51
N LYS A 145 -12.54 10.51 -2.03
CA LYS A 145 -13.87 11.01 -1.66
C LYS A 145 -14.97 9.97 -1.95
N ASN A 146 -14.81 9.19 -3.02
CA ASN A 146 -15.80 8.19 -3.40
C ASN A 146 -15.75 6.88 -2.61
N GLY A 147 -14.93 6.81 -1.56
CA GLY A 147 -14.87 5.61 -0.74
C GLY A 147 -14.03 4.47 -1.29
N THR A 148 -13.22 4.74 -2.31
CA THR A 148 -12.30 3.77 -2.89
C THR A 148 -10.88 4.20 -2.50
N CYS A 149 -9.95 3.25 -2.53
CA CYS A 149 -8.56 3.46 -2.12
C CYS A 149 -7.65 3.71 -3.30
N CYS A 150 -6.51 4.33 -2.98
CA CYS A 150 -5.40 4.35 -3.91
C CYS A 150 -4.10 4.07 -3.17
N ILE A 151 -3.28 3.22 -3.76
CA ILE A 151 -2.00 2.86 -3.16
C ILE A 151 -1.03 3.99 -3.31
N ALA A 152 -0.35 4.35 -2.21
CA ALA A 152 0.61 5.45 -2.24
C ALA A 152 1.97 5.00 -1.70
N ASP A 153 2.85 5.93 -1.36
CA ASP A 153 4.17 5.65 -0.79
C ASP A 153 4.94 4.58 -1.59
N LEU A 154 5.08 4.82 -2.88
CA LEU A 154 5.76 3.88 -3.77
C LEU A 154 7.29 3.99 -3.78
N GLY A 155 7.87 4.82 -2.92
CA GLY A 155 9.31 5.05 -2.93
C GLY A 155 10.21 3.85 -2.72
N LEU A 156 9.71 2.78 -2.06
CA LEU A 156 10.53 1.59 -1.83
C LEU A 156 10.30 0.52 -2.87
N ALA A 157 9.50 0.81 -3.91
CA ALA A 157 9.18 -0.21 -4.88
C ALA A 157 10.37 -0.72 -5.69
N VAL A 158 10.20 -1.94 -6.24
CA VAL A 158 11.16 -2.52 -7.16
C VAL A 158 10.47 -2.86 -8.47
N ARG A 159 11.20 -2.74 -9.59
CA ARG A 159 10.63 -2.99 -10.91
C ARG A 159 11.34 -4.17 -11.57
N HIS A 160 10.58 -4.96 -12.31
CA HIS A 160 11.08 -6.17 -12.98
C HIS A 160 11.42 -5.94 -14.43
N ASP A 161 12.52 -6.57 -14.87
CA ASP A 161 12.90 -6.67 -16.28
C ASP A 161 12.57 -8.13 -16.64
N SER A 162 11.43 -8.35 -17.31
CA SER A 162 10.97 -9.72 -17.57
C SER A 162 11.83 -10.51 -18.54
N ALA A 163 12.46 -9.84 -19.52
CA ALA A 163 13.29 -10.56 -20.50
C ALA A 163 14.46 -11.32 -19.86
N THR A 164 15.08 -10.72 -18.83
CA THR A 164 16.22 -11.27 -18.10
C THR A 164 15.85 -11.82 -16.72
N ASP A 165 14.64 -11.51 -16.22
CA ASP A 165 14.18 -11.93 -14.89
C ASP A 165 15.13 -11.34 -13.82
N THR A 166 15.31 -10.02 -13.88
CA THR A 166 16.16 -9.24 -12.95
C THR A 166 15.37 -8.06 -12.43
N ILE A 167 15.87 -7.48 -11.35
CA ILE A 167 15.19 -6.37 -10.64
C ILE A 167 16.03 -5.13 -10.79
N ASP A 168 15.38 -3.99 -11.10
CA ASP A 168 16.07 -2.75 -11.44
C ASP A 168 17.09 -2.26 -10.43
N ILE A 169 16.78 -2.33 -9.13
CA ILE A 169 17.75 -1.89 -8.15
C ILE A 169 18.41 -3.06 -7.39
N ALA A 170 18.27 -4.30 -7.91
CA ALA A 170 18.93 -5.49 -7.35
C ALA A 170 18.97 -5.46 -5.80
N PRO A 171 17.79 -5.55 -5.14
CA PRO A 171 17.76 -5.48 -3.67
C PRO A 171 18.51 -6.59 -2.95
N ASN A 172 19.27 -6.21 -1.94
CA ASN A 172 20.09 -7.15 -1.17
C ASN A 172 19.86 -7.01 0.34
N HIS A 173 18.87 -6.18 0.73
CA HIS A 173 18.53 -6.00 2.13
C HIS A 173 17.03 -5.82 2.30
N ARG A 174 16.57 -6.18 3.49
CA ARG A 174 15.20 -6.08 3.95
C ARG A 174 14.84 -4.59 4.11
N VAL A 175 13.65 -4.22 3.64
CA VAL A 175 13.14 -2.88 3.78
C VAL A 175 11.68 -3.08 4.23
N GLY A 176 11.06 -1.98 4.56
CA GLY A 176 9.64 -2.00 4.87
C GLY A 176 9.34 -1.99 6.33
N THR A 177 8.06 -1.93 6.60
CA THR A 177 7.51 -1.87 7.94
C THR A 177 7.49 -3.27 8.54
N LYS A 178 8.12 -3.39 9.72
CA LYS A 178 8.34 -4.73 10.28
C LYS A 178 7.07 -5.51 10.58
N ARG A 179 6.04 -4.84 11.06
CA ARG A 179 4.77 -5.48 11.42
C ARG A 179 4.13 -6.21 10.21
N TYR A 180 4.34 -5.69 8.97
CA TYR A 180 3.74 -6.21 7.76
C TYR A 180 4.64 -7.11 6.94
N MET A 181 5.84 -7.36 7.45
CA MET A 181 6.81 -8.19 6.73
C MET A 181 6.37 -9.62 6.63
N ALA A 182 6.46 -10.17 5.41
CA ALA A 182 6.07 -11.55 5.17
C ALA A 182 6.99 -12.52 5.93
N PRO A 183 6.49 -13.72 6.27
CA PRO A 183 7.33 -14.70 6.97
C PRO A 183 8.71 -14.92 6.36
N GLU A 184 8.77 -15.02 5.03
CA GLU A 184 10.04 -15.23 4.33
C GLU A 184 10.97 -14.01 4.37
N VAL A 185 10.40 -12.80 4.57
CA VAL A 185 11.23 -11.60 4.73
C VAL A 185 11.76 -11.57 6.16
N LEU A 186 10.91 -11.88 7.14
CA LEU A 186 11.33 -11.91 8.52
C LEU A 186 12.44 -12.94 8.78
N ASP A 187 12.36 -14.14 8.16
CA ASP A 187 13.38 -15.16 8.48
C ASP A 187 14.51 -15.17 7.45
N ASP A 188 14.46 -14.21 6.50
CA ASP A 188 15.46 -13.96 5.45
C ASP A 188 15.66 -15.16 4.51
N SER A 189 14.62 -15.99 4.35
CA SER A 189 14.64 -17.11 3.42
C SER A 189 14.25 -16.66 2.01
N ILE A 190 13.65 -15.47 1.88
CA ILE A 190 13.24 -14.95 0.56
C ILE A 190 14.44 -14.87 -0.40
N ASN A 191 14.22 -15.23 -1.65
CA ASN A 191 15.23 -15.10 -2.67
C ASN A 191 15.06 -13.70 -3.30
N MET A 192 15.93 -12.74 -2.92
CA MET A 192 15.79 -11.35 -3.38
C MET A 192 16.19 -11.15 -4.86
N LYS A 193 16.57 -12.24 -5.55
CA LYS A 193 16.82 -12.19 -7.00
C LYS A 193 15.56 -12.60 -7.77
N HIS A 194 14.53 -13.11 -7.07
CA HIS A 194 13.30 -13.63 -7.63
C HIS A 194 12.17 -12.61 -7.45
N PHE A 195 11.87 -11.85 -8.51
CA PHE A 195 10.83 -10.82 -8.46
C PHE A 195 9.49 -11.36 -7.98
N GLU A 196 9.04 -12.54 -8.47
CA GLU A 196 7.76 -13.11 -8.02
C GLU A 196 7.68 -13.22 -6.47
N SER A 197 8.83 -13.43 -5.79
CA SER A 197 8.84 -13.48 -4.32
C SER A 197 8.43 -12.12 -3.72
N PHE A 198 8.79 -11.00 -4.37
CA PHE A 198 8.35 -9.71 -3.81
C PHE A 198 6.86 -9.50 -4.03
N LYS A 199 6.31 -9.97 -5.15
CA LYS A 199 4.86 -9.86 -5.34
C LYS A 199 4.12 -10.65 -4.25
N ARG A 200 4.60 -11.88 -3.98
CA ARG A 200 3.95 -12.73 -2.99
C ARG A 200 4.00 -12.11 -1.58
N ALA A 201 5.11 -11.40 -1.25
CA ALA A 201 5.25 -10.74 0.06
C ALA A 201 4.25 -9.58 0.16
N ASP A 202 4.00 -8.84 -0.97
CA ASP A 202 2.97 -7.80 -0.97
C ASP A 202 1.59 -8.39 -0.67
N ILE A 203 1.29 -9.61 -1.20
CA ILE A 203 -0.03 -10.20 -0.98
C ILE A 203 -0.24 -10.52 0.49
N TYR A 204 0.79 -11.02 1.17
CA TYR A 204 0.70 -11.27 2.61
C TYR A 204 0.32 -9.96 3.33
N ALA A 205 1.00 -8.84 3.01
CA ALA A 205 0.70 -7.57 3.64
C ALA A 205 -0.72 -7.09 3.30
N MET A 206 -1.17 -7.30 2.05
CA MET A 206 -2.54 -6.92 1.69
C MET A 206 -3.57 -7.72 2.53
N GLY A 207 -3.27 -8.99 2.80
CA GLY A 207 -4.14 -9.82 3.64
C GLY A 207 -4.30 -9.21 5.02
N LEU A 208 -3.17 -8.72 5.58
CA LEU A 208 -3.21 -8.01 6.87
C LEU A 208 -4.09 -6.75 6.79
N VAL A 209 -3.98 -5.97 5.69
CA VAL A 209 -4.80 -4.75 5.55
C VAL A 209 -6.29 -5.15 5.45
N PHE A 210 -6.59 -6.26 4.73
CA PHE A 210 -7.99 -6.72 4.63
C PHE A 210 -8.57 -7.03 6.02
N TRP A 211 -7.74 -7.63 6.89
CA TRP A 211 -8.18 -7.91 8.25
C TRP A 211 -8.50 -6.62 9.00
N GLU A 212 -7.69 -5.55 8.81
CA GLU A 212 -7.95 -4.26 9.47
C GLU A 212 -9.30 -3.70 9.04
N ILE A 213 -9.62 -3.83 7.73
CA ILE A 213 -10.87 -3.31 7.16
C ILE A 213 -12.07 -4.10 7.71
N ALA A 214 -11.97 -5.44 7.65
CA ALA A 214 -13.09 -6.31 8.09
C ALA A 214 -13.46 -6.15 9.55
N ARG A 215 -12.49 -5.83 10.42
CA ARG A 215 -12.83 -5.55 11.83
C ARG A 215 -13.79 -4.37 11.96
N ARG A 216 -13.68 -3.40 11.05
CA ARG A 216 -14.46 -2.17 11.10
C ARG A 216 -15.79 -2.25 10.38
N CYS A 217 -16.09 -3.39 9.78
CA CYS A 217 -17.35 -3.62 9.08
C CYS A 217 -18.44 -3.82 10.13
N SER A 218 -19.42 -2.91 10.17
CA SER A 218 -20.46 -2.93 11.17
C SER A 218 -21.74 -3.53 10.58
N ILE A 219 -22.19 -4.69 11.10
CA ILE A 219 -23.41 -5.38 10.65
C ILE A 219 -24.31 -5.55 11.88
N GLY A 220 -25.49 -4.94 11.81
CA GLY A 220 -26.43 -4.94 12.93
C GLY A 220 -25.79 -4.34 14.16
N GLY A 221 -24.97 -3.30 13.94
CA GLY A 221 -24.24 -2.59 14.99
C GLY A 221 -23.07 -3.32 15.61
N ILE A 222 -22.71 -4.50 15.09
CA ILE A 222 -21.61 -5.30 15.65
C ILE A 222 -20.36 -5.10 14.82
N HIS A 223 -19.28 -4.67 15.49
CA HIS A 223 -17.96 -4.47 14.89
C HIS A 223 -16.89 -4.58 15.96
N GLU A 224 -15.62 -4.61 15.53
CA GLU A 224 -14.50 -4.67 16.46
C GLU A 224 -13.85 -3.26 16.50
N ASP A 225 -13.09 -2.95 17.56
CA ASP A 225 -12.39 -1.67 17.60
C ASP A 225 -11.24 -1.70 16.59
N TYR A 226 -10.75 -0.52 16.20
CA TYR A 226 -9.62 -0.53 15.29
C TYR A 226 -8.37 -1.12 15.97
N GLN A 227 -7.65 -2.04 15.24
CA GLN A 227 -6.34 -2.47 15.73
C GLN A 227 -5.46 -2.73 14.52
N LEU A 228 -4.15 -2.57 14.75
CA LEU A 228 -3.12 -2.98 13.81
C LEU A 228 -3.02 -4.50 13.87
N PRO A 229 -2.61 -5.14 12.78
CA PRO A 229 -2.42 -6.61 12.84
C PRO A 229 -1.34 -6.91 13.86
N TYR A 230 -1.57 -7.98 14.67
CA TYR A 230 -0.62 -8.42 15.70
C TYR A 230 -0.60 -7.54 16.95
N TYR A 231 -1.63 -6.66 17.11
CA TYR A 231 -1.72 -5.79 18.30
C TYR A 231 -1.72 -6.59 19.61
N ASP A 232 -2.17 -7.85 19.53
CA ASP A 232 -2.38 -8.78 20.64
C ASP A 232 -1.15 -9.61 20.95
N LEU A 233 -0.07 -9.44 20.14
CA LEU A 233 1.12 -10.29 20.22
C LEU A 233 2.45 -9.60 20.24
N VAL A 234 2.52 -8.33 19.77
CA VAL A 234 3.79 -7.63 19.70
C VAL A 234 3.62 -6.19 20.22
N PRO A 235 4.72 -5.54 20.64
CA PRO A 235 4.60 -4.13 21.07
C PRO A 235 4.45 -3.19 19.88
N SER A 236 4.18 -1.89 20.18
CA SER A 236 4.19 -0.86 19.15
C SER A 236 5.63 -0.78 18.61
N ASP A 237 5.80 -0.44 17.33
CA ASP A 237 7.13 -0.39 16.69
C ASP A 237 7.94 -1.69 16.95
N PRO A 238 7.38 -2.86 16.57
CA PRO A 238 8.04 -4.15 16.87
C PRO A 238 9.32 -4.37 16.08
N SER A 239 10.23 -5.15 16.64
CA SER A 239 11.49 -5.44 15.97
C SER A 239 11.30 -6.65 15.04
N VAL A 240 12.28 -6.91 14.15
CA VAL A 240 12.23 -8.06 13.27
C VAL A 240 12.17 -9.34 14.12
N GLU A 241 12.97 -9.41 15.19
CA GLU A 241 13.01 -10.59 16.07
C GLU A 241 11.64 -10.84 16.73
N GLU A 242 11.00 -9.78 17.24
CA GLU A 242 9.67 -9.87 17.85
C GLU A 242 8.65 -10.42 16.87
N MET A 243 8.66 -9.89 15.65
CA MET A 243 7.74 -10.35 14.62
C MET A 243 8.06 -11.77 14.20
N ARG A 244 9.36 -12.08 14.02
CA ARG A 244 9.74 -13.42 13.57
C ARG A 244 9.31 -14.49 14.57
N LYS A 245 9.48 -14.22 15.87
CA LYS A 245 9.07 -15.21 16.87
C LYS A 245 7.57 -15.54 16.76
N VAL A 246 6.72 -14.52 16.45
CA VAL A 246 5.29 -14.72 16.35
C VAL A 246 4.89 -15.35 15.04
N VAL A 247 5.32 -14.75 13.91
CA VAL A 247 4.86 -15.13 12.58
C VAL A 247 5.51 -16.41 12.07
N CYS A 248 6.83 -16.57 12.31
CA CYS A 248 7.60 -17.70 11.79
C CYS A 248 7.69 -18.87 12.74
N GLU A 249 7.98 -18.59 14.02
CA GLU A 249 8.24 -19.67 14.98
C GLU A 249 6.95 -20.20 15.59
N GLN A 250 6.10 -19.31 16.17
CA GLN A 250 4.83 -19.76 16.74
C GLN A 250 3.76 -19.94 15.65
N LYS A 251 4.00 -19.34 14.45
CA LYS A 251 3.14 -19.50 13.25
C LYS A 251 1.73 -18.95 13.46
N LEU A 252 1.67 -17.80 14.17
CA LEU A 252 0.40 -17.16 14.41
C LEU A 252 0.09 -16.13 13.33
N ARG A 253 -1.21 -15.85 13.20
CA ARG A 253 -1.70 -14.82 12.28
C ARG A 253 -2.78 -14.03 13.02
N PRO A 254 -3.26 -12.90 12.50
CA PRO A 254 -4.34 -12.20 13.22
C PRO A 254 -5.56 -13.11 13.36
N ASN A 255 -6.30 -12.95 14.47
N ASN A 255 -6.27 -13.01 14.50
CA ASN A 255 -7.49 -13.77 14.72
CA ASN A 255 -7.44 -13.86 14.74
C ASN A 255 -8.62 -13.48 13.75
C ASN A 255 -8.61 -13.50 13.83
N ILE A 256 -9.25 -14.54 13.25
CA ILE A 256 -10.42 -14.42 12.39
C ILE A 256 -11.65 -14.80 13.25
N PRO A 257 -12.47 -13.83 13.67
CA PRO A 257 -13.66 -14.18 14.50
C PRO A 257 -14.57 -15.16 13.78
N ASN A 258 -15.09 -16.20 14.52
CA ASN A 258 -15.99 -17.20 13.92
C ASN A 258 -17.26 -16.54 13.36
N ARG A 259 -17.70 -15.42 13.95
CA ARG A 259 -18.87 -14.64 13.51
C ARG A 259 -18.71 -14.03 12.10
N TRP A 260 -17.48 -14.01 11.53
CA TRP A 260 -17.30 -13.53 10.17
C TRP A 260 -17.86 -14.59 9.17
N GLN A 261 -18.16 -15.82 9.66
CA GLN A 261 -18.78 -16.88 8.85
C GLN A 261 -20.29 -16.64 8.71
N SER A 262 -20.88 -15.85 9.63
CA SER A 262 -22.32 -15.52 9.69
C SER A 262 -22.77 -14.52 8.63
N CYS A 263 -21.82 -13.90 7.92
CA CYS A 263 -22.07 -12.93 6.87
C CYS A 263 -21.29 -13.35 5.63
N GLU A 264 -21.96 -13.44 4.46
CA GLU A 264 -21.34 -13.87 3.20
C GLU A 264 -20.12 -13.01 2.77
N ALA A 265 -20.25 -11.67 2.85
CA ALA A 265 -19.12 -10.78 2.49
C ALA A 265 -17.96 -10.99 3.44
N LEU A 266 -18.24 -11.11 4.77
CA LEU A 266 -17.16 -11.36 5.74
C LEU A 266 -16.53 -12.74 5.58
N ARG A 267 -17.33 -13.74 5.12
CA ARG A 267 -16.83 -15.09 4.89
C ARG A 267 -15.83 -15.10 3.71
N VAL A 268 -16.18 -14.39 2.63
CA VAL A 268 -15.35 -14.25 1.42
C VAL A 268 -14.04 -13.53 1.83
N MET A 269 -14.17 -12.45 2.62
CA MET A 269 -13.00 -11.68 3.11
C MET A 269 -12.08 -12.57 3.96
N ALA A 270 -12.65 -13.32 4.92
CA ALA A 270 -11.85 -14.19 5.81
C ALA A 270 -11.10 -15.26 5.02
N LYS A 271 -11.78 -15.86 4.02
CA LYS A 271 -11.13 -16.85 3.17
C LYS A 271 -9.94 -16.23 2.38
N ILE A 272 -10.13 -15.03 1.82
CA ILE A 272 -9.02 -14.33 1.14
C ILE A 272 -7.85 -14.12 2.13
N MET A 273 -8.14 -13.63 3.34
CA MET A 273 -7.08 -13.40 4.34
C MET A 273 -6.28 -14.66 4.57
N ARG A 274 -6.95 -15.80 4.87
CA ARG A 274 -6.22 -17.05 5.06
C ARG A 274 -5.33 -17.41 3.87
N GLU A 275 -5.83 -17.17 2.62
CA GLU A 275 -5.13 -17.54 1.41
C GLU A 275 -4.09 -16.49 1.00
N CYS A 276 -3.93 -15.42 1.81
CA CYS A 276 -2.82 -14.46 1.67
C CYS A 276 -1.76 -14.78 2.71
N TRP A 277 -2.14 -15.51 3.78
CA TRP A 277 -1.31 -15.71 4.97
C TRP A 277 -0.51 -16.98 5.04
N TYR A 278 -0.64 -17.82 4.02
CA TYR A 278 0.18 -19.01 3.95
C TYR A 278 1.63 -18.67 4.12
N ALA A 279 2.37 -19.51 4.86
CA ALA A 279 3.81 -19.32 5.04
C ALA A 279 4.54 -19.47 3.69
N ASN A 280 4.07 -20.37 2.83
CA ASN A 280 4.66 -20.55 1.50
C ASN A 280 4.04 -19.51 0.54
N GLY A 281 4.88 -18.55 0.12
CA GLY A 281 4.49 -17.49 -0.80
C GLY A 281 3.85 -18.01 -2.08
N ALA A 282 4.36 -19.15 -2.61
CA ALA A 282 3.83 -19.75 -3.85
C ALA A 282 2.37 -20.21 -3.76
N ALA A 283 1.86 -20.46 -2.53
CA ALA A 283 0.48 -20.90 -2.34
C ALA A 283 -0.51 -19.72 -2.24
N ARG A 284 0.01 -18.48 -2.06
CA ARG A 284 -0.86 -17.33 -1.89
C ARG A 284 -1.66 -16.99 -3.15
N LEU A 285 -2.82 -16.38 -2.97
CA LEU A 285 -3.62 -15.84 -4.07
C LEU A 285 -2.81 -14.74 -4.78
N THR A 286 -3.13 -14.47 -6.04
CA THR A 286 -2.54 -13.33 -6.75
C THR A 286 -3.48 -12.14 -6.55
N ALA A 287 -2.97 -10.91 -6.79
CA ALA A 287 -3.83 -9.74 -6.65
C ALA A 287 -4.96 -9.78 -7.69
N LEU A 288 -4.64 -10.30 -8.90
CA LEU A 288 -5.66 -10.38 -9.96
C LEU A 288 -6.77 -11.33 -9.57
N ARG A 289 -6.42 -12.46 -8.93
CA ARG A 289 -7.43 -13.41 -8.44
C ARG A 289 -8.31 -12.78 -7.35
N ILE A 290 -7.70 -12.05 -6.40
CA ILE A 290 -8.48 -11.37 -5.36
C ILE A 290 -9.42 -10.33 -5.97
N LYS A 291 -8.92 -9.57 -6.98
CA LYS A 291 -9.75 -8.56 -7.66
C LYS A 291 -10.96 -9.24 -8.27
N LYS A 292 -10.77 -10.40 -8.93
CA LYS A 292 -11.86 -11.15 -9.57
C LYS A 292 -12.90 -11.59 -8.54
N THR A 293 -12.46 -12.16 -7.41
CA THR A 293 -13.37 -12.61 -6.33
C THR A 293 -14.16 -11.48 -5.72
N LEU A 294 -13.50 -10.34 -5.48
CA LEU A 294 -14.20 -9.22 -4.87
C LEU A 294 -15.10 -8.51 -5.85
N SER A 295 -14.75 -8.55 -7.15
CA SER A 295 -15.58 -7.95 -8.19
C SER A 295 -16.90 -8.72 -8.28
N GLN A 296 -16.83 -10.06 -8.17
CA GLN A 296 -17.99 -10.96 -8.16
C GLN A 296 -18.85 -10.65 -6.95
N LEU A 297 -18.22 -10.38 -5.78
CA LEU A 297 -18.93 -10.02 -4.56
C LEU A 297 -19.62 -8.63 -4.65
N SER A 298 -18.94 -7.63 -5.23
CA SER A 298 -19.46 -6.26 -5.41
C SER A 298 -20.70 -6.27 -6.33
N GLN A 299 -20.66 -7.10 -7.38
CA GLN A 299 -21.76 -7.27 -8.33
C GLN A 299 -22.98 -7.85 -7.61
N GLN A 300 -22.75 -8.83 -6.73
CA GLN A 300 -23.78 -9.49 -5.94
C GLN A 300 -24.46 -8.56 -4.95
N GLU A 301 -23.69 -7.60 -4.39
CA GLU A 301 -24.19 -6.65 -3.39
C GLU A 301 -24.83 -5.38 -4.00
N GLY A 302 -24.66 -5.20 -5.31
CA GLY A 302 -25.22 -4.05 -6.04
C GLY A 302 -24.60 -2.71 -5.71
N ILE A 303 -23.27 -2.69 -5.49
CA ILE A 303 -22.54 -1.48 -5.18
C ILE A 303 -22.47 -0.58 -6.41
#